data_5AF6
#
_entry.id   5AF6
#
_cell.length_a   98.384
_cell.length_b   126.512
_cell.length_c   78.092
_cell.angle_alpha   90.00
_cell.angle_beta   103.38
_cell.angle_gamma   90.00
#
_symmetry.space_group_name_H-M   'C 1 2 1'
#
loop_
_entity.id
_entity.type
_entity.pdbx_description
1 polymer UBIQUITIN
2 polymer TRABID
3 non-polymer 'ZINC ION'
#
loop_
_entity_poly.entity_id
_entity_poly.type
_entity_poly.pdbx_seq_one_letter_code
_entity_poly.pdbx_strand_id
1 'polypeptide(L)' MQIFVKTLTGRTITLEVEPSDTIENVKAKIQDKEGIPPDQQRLIFAGKQLEDGRTLSDYNIQKESTLHLVLRLRGG A,B,C,D,E
2 'polypeptide(L)' GPMSERGIKWACEYCTYENWPSAIKCTMCRAQRPS F,G,H,I,J
#
# COMPACT_ATOMS: atom_id res chain seq x y z
N MET A 1 -21.46 4.55 9.93
CA MET A 1 -22.10 3.31 9.50
C MET A 1 -21.07 2.32 8.97
N GLN A 2 -21.51 1.09 8.73
CA GLN A 2 -20.66 0.09 8.08
C GLN A 2 -21.36 -0.52 6.88
N ILE A 3 -20.62 -0.77 5.82
CA ILE A 3 -21.15 -1.44 4.64
C ILE A 3 -20.29 -2.64 4.30
N PHE A 4 -20.80 -3.49 3.41
CA PHE A 4 -20.12 -4.73 3.07
C PHE A 4 -19.72 -4.75 1.59
N VAL A 5 -18.46 -5.09 1.34
CA VAL A 5 -17.97 -5.21 -0.02
C VAL A 5 -17.76 -6.68 -0.36
N LYS A 6 -18.38 -7.14 -1.44
CA LYS A 6 -18.36 -8.54 -1.80
C LYS A 6 -17.50 -8.80 -3.03
N THR A 7 -16.40 -9.53 -2.83
CA THR A 7 -15.50 -9.87 -3.93
C THR A 7 -16.13 -10.90 -4.86
N LEU A 8 -15.43 -11.22 -5.95
CA LEU A 8 -15.96 -12.13 -6.96
C LEU A 8 -15.90 -13.58 -6.50
N THR A 9 -15.00 -13.86 -5.56
CA THR A 9 -14.85 -15.22 -5.02
C THR A 9 -15.97 -15.56 -4.04
N GLY A 10 -16.76 -14.56 -3.67
CA GLY A 10 -17.85 -14.75 -2.75
C GLY A 10 -17.52 -14.32 -1.34
N ARG A 11 -16.30 -13.83 -1.16
CA ARG A 11 -15.84 -13.38 0.14
C ARG A 11 -16.37 -11.97 0.43
N THR A 12 -16.67 -11.70 1.70
CA THR A 12 -17.26 -10.42 2.09
C THR A 12 -16.42 -9.69 3.13
N ILE A 13 -16.12 -8.43 2.85
CA ILE A 13 -15.39 -7.58 3.78
C ILE A 13 -16.27 -6.41 4.23
N THR A 14 -16.10 -6.00 5.49
CA THR A 14 -16.91 -4.91 6.04
C THR A 14 -16.06 -3.65 6.25
N LEU A 15 -16.65 -2.50 5.95
CA LEU A 15 -15.91 -1.23 6.00
C LEU A 15 -16.63 -0.18 6.82
N GLU A 16 -15.88 0.49 7.69
CA GLU A 16 -16.41 1.61 8.48
C GLU A 16 -16.37 2.89 7.65
N VAL A 17 -17.50 3.25 7.06
CA VAL A 17 -17.57 4.39 6.15
C VAL A 17 -18.63 5.40 6.59
N GLU A 18 -18.41 6.66 6.27
CA GLU A 18 -19.43 7.69 6.47
C GLU A 18 -20.02 8.09 5.11
N PRO A 19 -21.31 8.49 5.10
CA PRO A 19 -22.00 8.86 3.86
C PRO A 19 -21.30 9.97 3.08
N SER A 20 -20.57 10.82 3.78
CA SER A 20 -19.90 11.96 3.15
C SER A 20 -18.61 11.52 2.44
N ASP A 21 -18.19 10.29 2.68
CA ASP A 21 -16.98 9.76 2.04
C ASP A 21 -17.20 9.57 0.55
N THR A 22 -16.19 9.92 -0.23
CA THR A 22 -16.23 9.73 -1.67
C THR A 22 -15.87 8.29 -2.02
N ILE A 23 -16.28 7.85 -3.21
CA ILE A 23 -15.97 6.51 -3.69
C ILE A 23 -14.45 6.27 -3.69
N GLU A 24 -13.71 7.33 -4.00
CA GLU A 24 -12.25 7.31 -3.96
C GLU A 24 -11.75 6.88 -2.57
N ASN A 25 -12.41 7.41 -1.54
CA ASN A 25 -12.05 7.10 -0.17
C ASN A 25 -12.37 5.65 0.17
N VAL A 26 -13.46 5.14 -0.42
CA VAL A 26 -13.87 3.77 -0.18
C VAL A 26 -12.86 2.78 -0.75
N LYS A 27 -12.40 3.03 -1.97
CA LYS A 27 -11.42 2.17 -2.61
C LYS A 27 -10.08 2.21 -1.87
N ALA A 28 -9.87 3.28 -1.10
CA ALA A 28 -8.68 3.39 -0.26
C ALA A 28 -8.87 2.57 1.01
N LYS A 29 -10.10 2.56 1.52
CA LYS A 29 -10.46 1.74 2.68
C LYS A 29 -10.26 0.27 2.34
N ILE A 30 -10.63 -0.11 1.12
CA ILE A 30 -10.41 -1.46 0.63
C ILE A 30 -8.91 -1.74 0.52
N GLN A 31 -8.16 -0.75 0.05
CA GLN A 31 -6.72 -0.88 -0.11
C GLN A 31 -6.05 -1.16 1.24
N ASP A 32 -6.59 -0.57 2.30
CA ASP A 32 -6.04 -0.74 3.65
C ASP A 32 -6.07 -2.21 4.06
N LYS A 33 -7.17 -2.89 3.76
CA LYS A 33 -7.38 -4.26 4.21
C LYS A 33 -6.95 -5.31 3.18
N GLU A 34 -7.24 -5.05 1.90
CA GLU A 34 -6.93 -6.00 0.85
C GLU A 34 -5.54 -5.80 0.24
N GLY A 35 -5.07 -4.55 0.20
CA GLY A 35 -3.75 -4.25 -0.31
C GLY A 35 -3.68 -4.17 -1.82
N ILE A 36 -4.78 -3.76 -2.44
CA ILE A 36 -4.83 -3.61 -3.88
C ILE A 36 -5.01 -2.14 -4.27
N PRO A 37 -4.23 -1.67 -5.25
CA PRO A 37 -4.29 -0.29 -5.76
C PRO A 37 -5.69 0.09 -6.23
N PRO A 38 -6.20 1.26 -5.79
CA PRO A 38 -7.56 1.73 -6.08
C PRO A 38 -7.86 1.92 -7.57
N ASP A 39 -6.84 1.86 -8.42
CA ASP A 39 -7.07 2.03 -9.85
C ASP A 39 -7.25 0.69 -10.55
N GLN A 40 -6.80 -0.37 -9.89
CA GLN A 40 -6.96 -1.72 -10.43
C GLN A 40 -8.22 -2.38 -9.88
N GLN A 41 -8.95 -1.64 -9.04
CA GLN A 41 -10.21 -2.12 -8.49
C GLN A 41 -11.37 -1.22 -8.92
N ARG A 42 -12.55 -1.81 -9.06
CA ARG A 42 -13.76 -1.07 -9.43
C ARG A 42 -14.95 -1.61 -8.66
N LEU A 43 -15.85 -0.71 -8.26
CA LEU A 43 -16.99 -1.12 -7.43
C LEU A 43 -18.29 -1.08 -8.23
N ILE A 44 -19.15 -2.06 -7.98
CA ILE A 44 -20.44 -2.14 -8.64
C ILE A 44 -21.60 -2.07 -7.66
N PHE A 45 -22.52 -1.15 -7.92
CA PHE A 45 -23.74 -1.05 -7.12
C PHE A 45 -24.94 -0.80 -8.02
N ALA A 46 -26.03 -1.54 -7.75
CA ALA A 46 -27.25 -1.47 -8.55
C ALA A 46 -26.98 -1.73 -10.03
N GLY A 47 -26.06 -2.66 -10.30
CA GLY A 47 -25.75 -3.06 -11.67
C GLY A 47 -24.98 -2.01 -12.45
N LYS A 48 -24.46 -1.01 -11.75
CA LYS A 48 -23.68 0.05 -12.39
C LYS A 48 -22.33 0.22 -11.71
N GLN A 49 -21.36 0.71 -12.47
CA GLN A 49 -20.03 0.98 -11.93
C GLN A 49 -20.02 2.32 -11.18
N LEU A 50 -19.33 2.35 -10.04
CA LEU A 50 -19.25 3.55 -9.23
C LEU A 50 -18.05 4.42 -9.62
N GLU A 51 -18.29 5.71 -9.82
CA GLU A 51 -17.25 6.65 -10.19
C GLU A 51 -16.61 7.26 -8.94
N ASP A 52 -15.29 7.42 -8.96
CA ASP A 52 -14.55 7.87 -7.79
C ASP A 52 -14.94 9.27 -7.34
N GLY A 53 -15.50 10.05 -8.24
CA GLY A 53 -15.84 11.44 -7.95
C GLY A 53 -16.95 11.60 -6.93
N ARG A 54 -18.08 10.95 -7.17
CA ARG A 54 -19.26 11.13 -6.32
C ARG A 54 -19.12 10.42 -4.98
N THR A 55 -19.97 10.80 -4.03
CA THR A 55 -19.96 10.19 -2.70
C THR A 55 -21.03 9.11 -2.60
N LEU A 56 -21.06 8.43 -1.46
CA LEU A 56 -22.06 7.39 -1.23
C LEU A 56 -23.46 7.98 -1.15
N SER A 57 -23.57 9.14 -0.49
CA SER A 57 -24.86 9.81 -0.33
C SER A 57 -25.49 10.15 -1.67
N ASP A 58 -24.64 10.39 -2.68
CA ASP A 58 -25.11 10.66 -4.03
C ASP A 58 -25.64 9.39 -4.68
N TYR A 59 -25.06 8.25 -4.30
CA TYR A 59 -25.44 6.94 -4.85
C TYR A 59 -26.46 6.22 -3.98
N ASN A 60 -26.93 6.91 -2.93
CA ASN A 60 -27.91 6.39 -1.99
C ASN A 60 -27.47 5.13 -1.23
N ILE A 61 -26.17 5.00 -1.03
CA ILE A 61 -25.63 3.91 -0.23
C ILE A 61 -25.98 4.13 1.23
N GLN A 62 -26.61 3.14 1.85
CA GLN A 62 -27.07 3.25 3.23
C GLN A 62 -26.44 2.17 4.10
N LYS A 63 -26.63 2.29 5.41
CA LYS A 63 -26.03 1.37 6.37
C LYS A 63 -26.28 -0.10 6.02
N GLU A 64 -25.23 -0.91 6.12
CA GLU A 64 -25.28 -2.35 5.88
C GLU A 64 -25.63 -2.71 4.42
N SER A 65 -25.29 -1.83 3.50
CA SER A 65 -25.50 -2.10 2.08
C SER A 65 -24.39 -3.01 1.54
N THR A 66 -24.57 -3.48 0.31
CA THR A 66 -23.60 -4.41 -0.27
C THR A 66 -23.06 -3.92 -1.60
N LEU A 67 -21.73 -3.84 -1.70
CA LEU A 67 -21.07 -3.44 -2.93
C LEU A 67 -20.28 -4.61 -3.51
N HIS A 68 -20.17 -4.67 -4.82
CA HIS A 68 -19.42 -5.74 -5.48
C HIS A 68 -18.09 -5.26 -6.03
N LEU A 69 -17.02 -5.96 -5.67
CA LEU A 69 -15.67 -5.57 -6.05
C LEU A 69 -15.09 -6.45 -7.14
N VAL A 70 -14.67 -5.83 -8.25
CA VAL A 70 -14.05 -6.54 -9.35
C VAL A 70 -12.64 -6.02 -9.60
N LEU A 71 -11.69 -6.93 -9.76
CA LEU A 71 -10.29 -6.55 -9.99
C LEU A 71 -9.86 -6.85 -11.42
N ARG A 72 -9.18 -5.88 -12.03
CA ARG A 72 -8.62 -6.06 -13.37
C ARG A 72 -7.24 -5.42 -13.47
N LEU A 73 -6.21 -6.26 -13.53
CA LEU A 73 -4.84 -5.77 -13.65
C LEU A 73 -4.60 -5.23 -15.06
N ARG A 74 -3.71 -4.24 -15.16
CA ARG A 74 -3.42 -3.61 -16.45
C ARG A 74 -2.72 -4.58 -17.40
N GLY A 75 -3.35 -4.81 -18.55
CA GLY A 75 -2.81 -5.73 -19.53
C GLY A 75 -1.92 -5.05 -20.56
N GLY A 76 -1.49 -3.83 -20.25
CA GLY A 76 -0.63 -3.06 -21.14
C GLY A 76 -1.43 -2.11 -22.00
N MET B 1 21.96 8.08 -6.63
CA MET B 1 20.78 8.91 -6.60
C MET B 1 20.27 9.09 -5.17
N GLN B 2 19.71 10.27 -4.89
CA GLN B 2 19.27 10.61 -3.55
C GLN B 2 17.93 11.34 -3.58
N ILE B 3 17.00 10.93 -2.72
CA ILE B 3 15.68 11.56 -2.65
C ILE B 3 15.30 11.89 -1.20
N PHE B 4 14.20 12.61 -1.04
CA PHE B 4 13.75 13.04 0.29
C PHE B 4 12.30 12.61 0.54
N VAL B 5 12.00 12.26 1.78
CA VAL B 5 10.65 11.86 2.16
C VAL B 5 10.15 12.72 3.31
N LYS B 6 8.98 13.35 3.12
CA LYS B 6 8.45 14.30 4.09
C LYS B 6 7.26 13.75 4.86
N THR B 7 7.36 13.75 6.19
CA THR B 7 6.30 13.27 7.07
C THR B 7 5.20 14.31 7.22
N LEU B 8 4.07 13.91 7.78
CA LEU B 8 2.99 14.84 8.11
C LEU B 8 3.41 15.74 9.27
N THR B 9 4.37 15.27 10.06
CA THR B 9 4.91 16.05 11.16
C THR B 9 5.74 17.22 10.65
N GLY B 10 6.29 17.06 9.45
CA GLY B 10 7.10 18.10 8.84
C GLY B 10 8.56 17.71 8.75
N ARG B 11 8.89 16.53 9.26
CA ARG B 11 10.27 16.06 9.27
C ARG B 11 10.65 15.48 7.90
N THR B 12 11.94 15.52 7.58
CA THR B 12 12.40 15.06 6.27
C THR B 12 13.56 14.06 6.41
N ILE B 13 13.42 12.92 5.76
CA ILE B 13 14.46 11.90 5.80
C ILE B 13 15.10 11.70 4.42
N THR B 14 16.39 11.40 4.42
CA THR B 14 17.15 11.27 3.19
C THR B 14 17.41 9.81 2.83
N LEU B 15 17.02 9.43 1.62
CA LEU B 15 17.21 8.06 1.15
C LEU B 15 18.15 8.01 -0.04
N GLU B 16 18.99 6.97 -0.08
CA GLU B 16 19.88 6.75 -1.21
C GLU B 16 19.37 5.58 -2.05
N VAL B 17 18.67 5.91 -3.13
CA VAL B 17 18.05 4.90 -3.99
C VAL B 17 18.60 4.92 -5.40
N GLU B 18 18.04 4.07 -6.25
CA GLU B 18 18.36 4.07 -7.68
C GLU B 18 17.07 4.08 -8.48
N PRO B 19 17.12 4.54 -9.74
CA PRO B 19 15.89 4.57 -10.54
C PRO B 19 15.34 3.18 -10.85
N SER B 20 16.19 2.16 -10.81
CA SER B 20 15.76 0.79 -11.06
C SER B 20 15.09 0.18 -9.84
N ASP B 21 15.11 0.90 -8.73
CA ASP B 21 14.47 0.44 -7.50
C ASP B 21 12.96 0.61 -7.57
N THR B 22 12.23 -0.42 -7.12
CA THR B 22 10.79 -0.37 -7.06
C THR B 22 10.34 0.42 -5.83
N ILE B 23 9.08 0.85 -5.82
CA ILE B 23 8.54 1.62 -4.70
C ILE B 23 8.55 0.81 -3.40
N GLU B 24 8.34 -0.49 -3.51
CA GLU B 24 8.33 -1.35 -2.33
C GLU B 24 9.70 -1.36 -1.66
N ASN B 25 10.74 -1.14 -2.46
CA ASN B 25 12.09 -1.07 -1.93
C ASN B 25 12.31 0.25 -1.20
N VAL B 26 11.69 1.30 -1.73
CA VAL B 26 11.71 2.61 -1.07
C VAL B 26 11.00 2.54 0.26
N LYS B 27 9.81 1.92 0.27
CA LYS B 27 9.02 1.78 1.48
C LYS B 27 9.74 0.90 2.51
N ALA B 28 10.62 0.04 2.03
CA ALA B 28 11.41 -0.82 2.90
C ALA B 28 12.53 -0.01 3.55
N LYS B 29 13.08 0.94 2.80
CA LYS B 29 14.16 1.78 3.29
C LYS B 29 13.65 2.76 4.35
N ILE B 30 12.42 3.22 4.16
CA ILE B 30 11.77 4.07 5.15
C ILE B 30 11.57 3.28 6.44
N GLN B 31 11.20 2.01 6.29
CA GLN B 31 11.01 1.12 7.41
C GLN B 31 12.29 0.98 8.23
N ASP B 32 13.43 1.03 7.56
CA ASP B 32 14.72 0.95 8.22
C ASP B 32 15.02 2.19 9.04
N LYS B 33 14.37 3.30 8.69
CA LYS B 33 14.65 4.58 9.33
C LYS B 33 13.55 5.05 10.28
N GLU B 34 12.37 4.46 10.16
CA GLU B 34 11.24 4.87 10.99
C GLU B 34 10.63 3.71 11.78
N GLY B 35 10.94 2.48 11.36
CA GLY B 35 10.48 1.31 12.07
C GLY B 35 9.03 0.96 11.84
N ILE B 36 8.44 1.51 10.78
CA ILE B 36 7.06 1.22 10.43
C ILE B 36 6.96 0.43 9.12
N PRO B 37 6.17 -0.67 9.14
CA PRO B 37 6.06 -1.61 8.02
C PRO B 37 5.51 -0.98 6.74
N PRO B 38 5.99 -1.45 5.58
CA PRO B 38 5.58 -0.97 4.25
C PRO B 38 4.08 -1.09 3.99
N ASP B 39 3.39 -1.90 4.77
CA ASP B 39 1.95 -2.11 4.59
C ASP B 39 1.15 -0.90 5.04
N GLN B 40 1.73 -0.12 5.96
CA GLN B 40 1.06 1.06 6.49
C GLN B 40 1.47 2.32 5.73
N GLN B 41 2.41 2.18 4.80
CA GLN B 41 2.97 3.34 4.13
C GLN B 41 2.23 3.71 2.85
N ARG B 42 1.89 4.98 2.74
CA ARG B 42 1.34 5.54 1.51
C ARG B 42 2.25 6.68 1.07
N LEU B 43 2.88 6.54 -0.09
CA LEU B 43 3.76 7.58 -0.60
C LEU B 43 3.04 8.43 -1.65
N ILE B 44 3.09 9.75 -1.47
CA ILE B 44 2.43 10.67 -2.38
C ILE B 44 3.43 11.48 -3.18
N PHE B 45 3.24 11.53 -4.49
CA PHE B 45 4.07 12.34 -5.37
C PHE B 45 3.25 12.81 -6.56
N ALA B 46 3.39 14.09 -6.90
CA ALA B 46 2.61 14.73 -7.96
C ALA B 46 1.11 14.70 -7.65
N GLY B 47 0.78 14.55 -6.37
CA GLY B 47 -0.61 14.53 -5.94
C GLY B 47 -1.27 13.17 -6.13
N LYS B 48 -0.45 12.15 -6.35
CA LYS B 48 -0.97 10.80 -6.58
C LYS B 48 -0.19 9.76 -5.79
N GLN B 49 -0.86 8.66 -5.43
CA GLN B 49 -0.20 7.56 -4.73
C GLN B 49 0.62 6.73 -5.69
N LEU B 50 1.68 6.11 -5.19
CA LEU B 50 2.58 5.33 -6.03
C LEU B 50 2.43 3.83 -5.77
N GLU B 51 2.22 3.06 -6.83
CA GLU B 51 2.09 1.61 -6.72
C GLU B 51 3.40 0.98 -6.26
N ASP B 52 3.30 0.00 -5.37
CA ASP B 52 4.47 -0.73 -4.88
C ASP B 52 5.15 -1.50 -6.00
N GLY B 53 4.43 -1.73 -7.09
CA GLY B 53 4.91 -2.59 -8.15
C GLY B 53 5.66 -1.88 -9.26
N ARG B 54 5.54 -0.55 -9.32
CA ARG B 54 6.20 0.22 -10.36
C ARG B 54 7.48 0.86 -9.83
N THR B 55 8.42 1.12 -10.74
CA THR B 55 9.72 1.69 -10.34
C THR B 55 9.69 3.21 -10.34
N LEU B 56 10.80 3.81 -9.89
CA LEU B 56 10.90 5.26 -9.81
C LEU B 56 10.97 5.87 -11.21
N SER B 57 11.67 5.19 -12.11
CA SER B 57 11.81 5.68 -13.49
C SER B 57 10.47 5.68 -14.21
N ASP B 58 9.54 4.86 -13.75
CA ASP B 58 8.19 4.84 -14.30
C ASP B 58 7.43 6.10 -13.94
N TYR B 59 7.51 6.49 -12.66
CA TYR B 59 6.83 7.68 -12.16
C TYR B 59 7.63 8.95 -12.46
N ASN B 60 8.69 8.81 -13.25
CA ASN B 60 9.56 9.93 -13.61
C ASN B 60 10.14 10.63 -12.38
N ILE B 61 10.65 9.84 -11.44
CA ILE B 61 11.29 10.40 -10.25
C ILE B 61 12.80 10.38 -10.37
N GLN B 62 13.40 11.57 -10.28
CA GLN B 62 14.86 11.67 -10.37
C GLN B 62 15.41 12.41 -9.15
N LYS B 63 16.73 12.43 -9.04
CA LYS B 63 17.45 12.85 -7.83
C LYS B 63 16.93 14.15 -7.21
N GLU B 64 16.93 14.19 -5.89
CA GLU B 64 16.50 15.34 -5.10
C GLU B 64 15.02 15.67 -5.33
N SER B 65 14.20 14.63 -5.50
CA SER B 65 12.74 14.81 -5.53
C SER B 65 12.18 14.56 -4.14
N THR B 66 11.01 15.12 -3.87
CA THR B 66 10.41 15.00 -2.53
C THR B 66 9.15 14.15 -2.55
N LEU B 67 9.14 13.09 -1.73
CA LEU B 67 7.98 12.23 -1.58
C LEU B 67 7.31 12.48 -0.23
N HIS B 68 6.00 12.30 -0.16
CA HIS B 68 5.27 12.50 1.09
C HIS B 68 4.77 11.18 1.66
N LEU B 69 5.21 10.87 2.87
CA LEU B 69 4.82 9.64 3.55
C LEU B 69 3.59 9.85 4.43
N VAL B 70 2.52 9.15 4.11
CA VAL B 70 1.31 9.20 4.91
C VAL B 70 1.10 7.84 5.59
N LEU B 71 0.59 7.86 6.82
CA LEU B 71 0.40 6.62 7.56
C LEU B 71 -1.07 6.27 7.75
N ARG B 72 -1.44 5.09 7.28
CA ARG B 72 -2.80 4.57 7.46
C ARG B 72 -2.76 3.19 8.10
N LEU B 73 -3.11 3.11 9.38
CA LEU B 73 -3.06 1.84 10.13
C LEU B 73 -4.43 1.22 10.30
N ARG B 74 -4.48 -0.11 10.29
CA ARG B 74 -5.73 -0.83 10.46
C ARG B 74 -5.69 -1.79 11.66
N GLY B 75 -6.67 -1.67 12.55
CA GLY B 75 -7.71 -0.67 12.41
C GLY B 75 -9.00 -1.13 11.75
N GLY B 76 -9.00 -2.34 11.20
CA GLY B 76 -10.20 -2.85 10.54
C GLY B 76 -9.91 -3.96 9.55
N MET C 1 5.31 -24.68 21.11
CA MET C 1 5.89 -25.42 19.99
C MET C 1 7.34 -24.99 19.73
N GLN C 2 7.96 -25.60 18.73
CA GLN C 2 9.32 -25.28 18.36
C GLN C 2 9.42 -24.97 16.87
N ILE C 3 10.14 -23.90 16.53
CA ILE C 3 10.33 -23.53 15.14
C ILE C 3 11.81 -23.35 14.82
N PHE C 4 12.12 -23.29 13.52
CA PHE C 4 13.49 -23.08 13.08
C PHE C 4 13.61 -21.70 12.41
N VAL C 5 14.76 -21.07 12.58
CA VAL C 5 15.05 -19.82 11.88
C VAL C 5 16.34 -19.95 11.09
N LYS C 6 16.24 -19.80 9.77
CA LYS C 6 17.41 -19.92 8.91
C LYS C 6 18.02 -18.55 8.61
N THR C 7 19.29 -18.39 8.97
CA THR C 7 20.01 -17.17 8.67
C THR C 7 20.36 -17.12 7.19
N LEU C 8 20.77 -15.95 6.71
CA LEU C 8 21.07 -15.76 5.29
C LEU C 8 22.31 -16.56 4.89
N THR C 9 23.15 -16.89 5.87
CA THR C 9 24.35 -17.67 5.61
C THR C 9 24.03 -19.16 5.45
N GLY C 10 22.84 -19.55 5.90
CA GLY C 10 22.40 -20.93 5.80
C GLY C 10 22.34 -21.65 7.13
N ARG C 11 22.93 -21.04 8.15
CA ARG C 11 22.95 -21.61 9.49
C ARG C 11 21.56 -21.53 10.13
N THR C 12 21.17 -22.59 10.84
CA THR C 12 19.82 -22.69 11.40
C THR C 12 19.82 -22.59 12.92
N ILE C 13 18.96 -21.72 13.45
CA ILE C 13 18.76 -21.63 14.90
C ILE C 13 17.34 -22.05 15.28
N THR C 14 17.23 -22.81 16.37
CA THR C 14 15.94 -23.34 16.81
C THR C 14 15.38 -22.52 17.97
N LEU C 15 14.08 -22.24 17.93
CA LEU C 15 13.45 -21.39 18.94
C LEU C 15 12.20 -22.04 19.52
N GLU C 16 12.08 -22.01 20.85
CA GLU C 16 10.88 -22.49 21.52
C GLU C 16 9.89 -21.36 21.70
N VAL C 17 8.77 -21.43 21.01
CA VAL C 17 7.77 -20.36 21.04
C VAL C 17 6.35 -20.91 21.08
N GLU C 18 5.43 -20.13 21.65
CA GLU C 18 4.02 -20.48 21.64
C GLU C 18 3.32 -19.72 20.51
N PRO C 19 2.22 -20.27 19.98
CA PRO C 19 1.45 -19.59 18.94
C PRO C 19 0.86 -18.27 19.45
N SER C 20 0.75 -18.14 20.76
CA SER C 20 0.23 -16.92 21.37
C SER C 20 1.29 -15.83 21.40
N ASP C 21 2.55 -16.22 21.26
CA ASP C 21 3.66 -15.26 21.22
C ASP C 21 3.60 -14.43 19.94
N THR C 22 3.63 -13.11 20.11
CA THR C 22 3.66 -12.20 18.98
C THR C 22 5.01 -12.28 18.25
N ILE C 23 5.05 -11.79 17.02
CA ILE C 23 6.29 -11.78 16.24
C ILE C 23 7.37 -10.95 16.94
N GLU C 24 6.95 -9.87 17.58
CA GLU C 24 7.85 -9.04 18.38
C GLU C 24 8.52 -9.89 19.45
N ASN C 25 7.75 -10.80 20.05
CA ASN C 25 8.27 -11.73 21.04
C ASN C 25 9.25 -12.72 20.42
N VAL C 26 9.02 -13.05 19.15
CA VAL C 26 9.93 -13.95 18.44
C VAL C 26 11.24 -13.23 18.13
N LYS C 27 11.15 -12.00 17.64
CA LYS C 27 12.33 -11.20 17.33
C LYS C 27 13.15 -10.92 18.58
N ALA C 28 12.48 -10.85 19.73
CA ALA C 28 13.15 -10.69 21.01
C ALA C 28 13.97 -11.93 21.34
N LYS C 29 13.36 -13.09 21.15
CA LYS C 29 14.01 -14.36 21.46
C LYS C 29 15.19 -14.62 20.53
N ILE C 30 15.13 -14.04 19.33
CA ILE C 30 16.25 -14.11 18.39
C ILE C 30 17.37 -13.19 18.89
N GLN C 31 16.99 -12.05 19.46
CA GLN C 31 17.95 -11.13 20.03
C GLN C 31 18.65 -11.76 21.22
N ASP C 32 17.90 -12.50 22.03
CA ASP C 32 18.45 -13.19 23.18
C ASP C 32 19.36 -14.34 22.74
N LYS C 33 19.19 -14.77 21.50
CA LYS C 33 19.95 -15.92 20.99
C LYS C 33 21.16 -15.49 20.17
N GLU C 34 20.95 -14.51 19.30
CA GLU C 34 21.99 -14.08 18.35
C GLU C 34 22.67 -12.78 18.76
N GLY C 35 22.02 -12.02 19.64
CA GLY C 35 22.61 -10.78 20.13
C GLY C 35 22.45 -9.61 19.18
N ILE C 36 21.61 -9.77 18.17
CA ILE C 36 21.33 -8.67 17.24
C ILE C 36 19.95 -8.07 17.52
N PRO C 37 19.91 -6.73 17.67
CA PRO C 37 18.70 -6.00 18.07
C PRO C 37 17.51 -6.21 17.12
N PRO C 38 16.29 -6.16 17.67
CA PRO C 38 15.05 -6.41 16.92
C PRO C 38 14.84 -5.45 15.75
N ASP C 39 15.35 -4.24 15.84
CA ASP C 39 15.17 -3.25 14.79
C ASP C 39 15.91 -3.66 13.51
N GLN C 40 16.94 -4.49 13.67
CA GLN C 40 17.75 -4.92 12.54
C GLN C 40 17.26 -6.25 11.99
N GLN C 41 16.18 -6.77 12.56
CA GLN C 41 15.66 -8.08 12.19
C GLN C 41 14.51 -8.01 11.19
N ARG C 42 14.56 -8.88 10.20
CA ARG C 42 13.46 -9.03 9.24
C ARG C 42 13.10 -10.51 9.14
N LEU C 43 11.85 -10.84 9.45
CA LEU C 43 11.42 -12.23 9.42
C LEU C 43 10.50 -12.50 8.23
N ILE C 44 10.89 -13.48 7.43
CA ILE C 44 10.15 -13.82 6.22
C ILE C 44 9.58 -15.22 6.28
N PHE C 45 8.27 -15.33 6.07
CA PHE C 45 7.61 -16.62 5.98
C PHE C 45 6.59 -16.60 4.85
N ALA C 46 6.62 -17.64 4.02
CA ALA C 46 5.75 -17.75 2.84
C ALA C 46 6.01 -16.61 1.86
N GLY C 47 7.25 -16.12 1.84
CA GLY C 47 7.65 -15.08 0.91
C GLY C 47 7.22 -13.69 1.31
N LYS C 48 6.84 -13.52 2.57
CA LYS C 48 6.35 -12.24 3.07
C LYS C 48 7.02 -11.87 4.39
N GLN C 49 7.23 -10.58 4.62
CA GLN C 49 7.80 -10.11 5.88
C GLN C 49 6.72 -10.06 6.96
N LEU C 50 6.99 -10.69 8.09
CA LEU C 50 6.01 -10.80 9.17
C LEU C 50 5.99 -9.55 10.05
N GLU C 51 4.81 -8.94 10.18
CA GLU C 51 4.64 -7.78 11.04
C GLU C 51 4.89 -8.14 12.49
N ASP C 52 5.52 -7.22 13.23
CA ASP C 52 5.82 -7.44 14.63
C ASP C 52 4.56 -7.52 15.49
N GLY C 53 3.49 -6.89 15.02
CA GLY C 53 2.25 -6.82 15.77
C GLY C 53 1.42 -8.10 15.72
N ARG C 54 1.69 -8.94 14.74
CA ARG C 54 0.95 -10.19 14.57
C ARG C 54 1.54 -11.31 15.41
N THR C 55 0.75 -12.35 15.64
CA THR C 55 1.23 -13.53 16.34
C THR C 55 1.53 -14.66 15.35
N LEU C 56 2.21 -15.69 15.81
CA LEU C 56 2.58 -16.82 14.95
C LEU C 56 1.33 -17.55 14.45
N SER C 57 0.29 -17.56 15.28
CA SER C 57 -0.96 -18.20 14.93
C SER C 57 -1.67 -17.46 13.79
N ASP C 58 -1.38 -16.16 13.69
CA ASP C 58 -1.99 -15.33 12.65
C ASP C 58 -1.46 -15.69 11.27
N TYR C 59 -0.18 -16.06 11.20
CA TYR C 59 0.46 -16.40 9.93
C TYR C 59 0.46 -17.90 9.69
N ASN C 60 -0.34 -18.63 10.48
CA ASN C 60 -0.39 -20.08 10.43
C ASN C 60 0.99 -20.71 10.53
N ILE C 61 1.76 -20.26 11.51
CA ILE C 61 3.08 -20.81 11.77
C ILE C 61 3.01 -21.91 12.81
N GLN C 62 3.25 -23.15 12.38
CA GLN C 62 3.15 -24.29 13.28
C GLN C 62 4.51 -24.98 13.44
N LYS C 63 4.52 -26.06 14.22
CA LYS C 63 5.76 -26.74 14.60
C LYS C 63 6.62 -27.08 13.40
N GLU C 64 7.93 -26.97 13.58
CA GLU C 64 8.94 -27.35 12.60
C GLU C 64 8.91 -26.48 11.34
N SER C 65 8.20 -25.37 11.39
CA SER C 65 8.26 -24.39 10.31
C SER C 65 9.58 -23.65 10.35
N THR C 66 10.12 -23.30 9.19
CA THR C 66 11.36 -22.54 9.13
C THR C 66 11.09 -21.11 8.69
N LEU C 67 11.57 -20.16 9.50
CA LEU C 67 11.45 -18.74 9.18
C LEU C 67 12.81 -18.23 8.71
N HIS C 68 12.80 -17.17 7.89
CA HIS C 68 14.05 -16.65 7.36
C HIS C 68 14.41 -15.29 7.96
N LEU C 69 15.60 -15.20 8.54
CA LEU C 69 16.06 -13.98 9.19
C LEU C 69 16.97 -13.16 8.28
N VAL C 70 16.55 -11.93 7.99
CA VAL C 70 17.33 -11.01 7.20
C VAL C 70 17.72 -9.80 8.04
N LEU C 71 19.00 -9.45 8.03
CA LEU C 71 19.50 -8.34 8.82
C LEU C 71 19.68 -7.08 7.97
N ARG C 72 19.17 -5.96 8.47
CA ARG C 72 19.24 -4.69 7.75
C ARG C 72 19.61 -3.53 8.69
N LEU C 73 20.79 -2.93 8.45
CA LEU C 73 21.21 -1.77 9.22
C LEU C 73 20.52 -0.51 8.69
N ARG C 74 20.20 0.42 9.58
CA ARG C 74 19.49 1.63 9.17
C ARG C 74 20.40 2.58 8.37
N GLY C 75 21.53 2.97 8.95
CA GLY C 75 22.55 3.75 8.27
C GLY C 75 22.07 4.91 7.42
N GLY C 76 21.08 5.64 7.90
CA GLY C 76 20.55 6.79 7.17
C GLY C 76 19.45 7.51 7.90
N MET D 1 -7.58 -9.93 -32.17
CA MET D 1 -7.46 -8.70 -32.96
C MET D 1 -6.94 -7.55 -32.11
N GLN D 2 -6.15 -6.69 -32.74
CA GLN D 2 -5.67 -5.48 -32.07
C GLN D 2 -6.12 -4.24 -32.82
N ILE D 3 -6.55 -3.22 -32.08
CA ILE D 3 -7.01 -1.96 -32.67
C ILE D 3 -6.31 -0.77 -32.02
N PHE D 4 -6.32 0.36 -32.73
CA PHE D 4 -5.65 1.57 -32.25
C PHE D 4 -6.64 2.66 -31.88
N VAL D 5 -6.32 3.43 -30.86
CA VAL D 5 -7.16 4.53 -30.41
C VAL D 5 -6.37 5.83 -30.35
N LYS D 6 -6.86 6.86 -31.01
CA LYS D 6 -6.15 8.14 -31.09
C LYS D 6 -6.80 9.22 -30.24
N THR D 7 -5.99 9.87 -29.41
CA THR D 7 -6.46 10.96 -28.56
C THR D 7 -6.32 12.28 -29.33
N LEU D 8 -6.96 13.33 -28.81
CA LEU D 8 -6.85 14.67 -29.41
C LEU D 8 -5.43 15.19 -29.32
N THR D 9 -4.69 14.73 -28.31
CA THR D 9 -3.30 15.12 -28.13
C THR D 9 -2.41 14.52 -29.22
N GLY D 10 -2.82 13.36 -29.74
CA GLY D 10 -2.07 12.69 -30.78
C GLY D 10 -1.48 11.37 -30.29
N ARG D 11 -1.65 11.10 -29.01
CA ARG D 11 -1.13 9.86 -28.42
C ARG D 11 -2.03 8.68 -28.77
N THR D 12 -1.42 7.54 -29.03
CA THR D 12 -2.16 6.34 -29.45
C THR D 12 -1.91 5.15 -28.52
N ILE D 13 -2.99 4.50 -28.11
CA ILE D 13 -2.90 3.31 -27.27
C ILE D 13 -3.46 2.09 -27.98
N THR D 14 -2.83 0.94 -27.75
CA THR D 14 -3.21 -0.29 -28.43
C THR D 14 -4.02 -1.21 -27.51
N LEU D 15 -5.13 -1.72 -28.03
CA LEU D 15 -6.00 -2.61 -27.28
C LEU D 15 -6.15 -3.96 -27.99
N GLU D 16 -6.22 -5.03 -27.21
CA GLU D 16 -6.40 -6.37 -27.77
C GLU D 16 -7.81 -6.89 -27.49
N VAL D 17 -8.67 -6.85 -28.50
CA VAL D 17 -10.05 -7.29 -28.38
C VAL D 17 -10.43 -8.30 -29.44
N GLU D 18 -11.51 -9.03 -29.20
CA GLU D 18 -12.08 -9.93 -30.19
C GLU D 18 -13.30 -9.27 -30.81
N PRO D 19 -13.63 -9.63 -32.08
CA PRO D 19 -14.73 -8.99 -32.79
C PRO D 19 -16.10 -9.12 -32.11
N SER D 20 -16.19 -10.02 -31.13
CA SER D 20 -17.45 -10.24 -30.42
C SER D 20 -17.63 -9.26 -29.27
N ASP D 21 -16.57 -8.52 -28.94
CA ASP D 21 -16.61 -7.56 -27.84
C ASP D 21 -17.48 -6.36 -28.16
N THR D 22 -18.33 -5.98 -27.20
CA THR D 22 -19.16 -4.80 -27.33
C THR D 22 -18.31 -3.54 -27.15
N ILE D 23 -18.86 -2.39 -27.52
CA ILE D 23 -18.15 -1.13 -27.38
C ILE D 23 -17.95 -0.80 -25.90
N GLU D 24 -18.96 -1.13 -25.09
CA GLU D 24 -18.87 -0.94 -23.64
C GLU D 24 -17.67 -1.67 -23.05
N ASN D 25 -17.34 -2.83 -23.65
CA ASN D 25 -16.20 -3.61 -23.20
C ASN D 25 -14.90 -2.98 -23.69
N VAL D 26 -14.97 -2.27 -24.81
CA VAL D 26 -13.81 -1.58 -25.34
C VAL D 26 -13.46 -0.39 -24.46
N LYS D 27 -14.47 0.39 -24.10
CA LYS D 27 -14.29 1.52 -23.19
C LYS D 27 -13.82 1.02 -21.83
N ALA D 28 -14.21 -0.19 -21.47
CA ALA D 28 -13.78 -0.80 -20.22
C ALA D 28 -12.29 -1.10 -20.27
N LYS D 29 -11.79 -1.47 -21.44
CA LYS D 29 -10.37 -1.76 -21.60
C LYS D 29 -9.56 -0.48 -21.75
N ILE D 30 -10.22 0.60 -22.19
CA ILE D 30 -9.59 1.91 -22.26
C ILE D 30 -9.33 2.41 -20.85
N GLN D 31 -10.28 2.16 -19.96
CA GLN D 31 -10.16 2.54 -18.56
C GLN D 31 -9.00 1.78 -17.89
N ASP D 32 -8.69 0.60 -18.42
CA ASP D 32 -7.60 -0.20 -17.87
C ASP D 32 -6.23 0.40 -18.18
N LYS D 33 -6.18 1.25 -19.20
CA LYS D 33 -4.91 1.85 -19.61
C LYS D 33 -4.90 3.37 -19.43
N GLU D 34 -6.06 3.99 -19.53
CA GLU D 34 -6.17 5.44 -19.42
C GLU D 34 -6.66 5.90 -18.05
N GLY D 35 -7.28 4.99 -17.32
CA GLY D 35 -7.81 5.31 -16.00
C GLY D 35 -8.92 6.34 -16.05
N ILE D 36 -9.63 6.39 -17.18
CA ILE D 36 -10.73 7.33 -17.34
C ILE D 36 -12.07 6.59 -17.37
N PRO D 37 -13.05 7.10 -16.61
CA PRO D 37 -14.39 6.51 -16.53
C PRO D 37 -15.07 6.46 -17.91
N PRO D 38 -15.84 5.39 -18.16
CA PRO D 38 -16.56 5.21 -19.44
C PRO D 38 -17.61 6.30 -19.66
N ASP D 39 -18.06 6.93 -18.58
CA ASP D 39 -19.10 7.94 -18.66
C ASP D 39 -18.65 9.17 -19.44
N GLN D 40 -17.35 9.41 -19.47
CA GLN D 40 -16.79 10.58 -20.13
C GLN D 40 -16.03 10.21 -21.40
N GLN D 41 -16.16 8.95 -21.82
CA GLN D 41 -15.51 8.49 -23.04
C GLN D 41 -16.45 8.57 -24.24
N ARG D 42 -15.89 8.96 -25.37
CA ARG D 42 -16.64 8.99 -26.63
C ARG D 42 -15.77 8.38 -27.73
N LEU D 43 -16.26 7.32 -28.36
CA LEU D 43 -15.50 6.66 -29.42
C LEU D 43 -16.01 7.04 -30.80
N ILE D 44 -15.12 7.60 -31.62
CA ILE D 44 -15.49 8.05 -32.96
C ILE D 44 -14.90 7.16 -34.05
N PHE D 45 -15.77 6.66 -34.92
CA PHE D 45 -15.33 5.92 -36.10
C PHE D 45 -16.18 6.31 -37.30
N ALA D 46 -15.51 6.57 -38.42
CA ALA D 46 -16.16 6.95 -39.67
C ALA D 46 -17.04 8.20 -39.50
N GLY D 47 -16.62 9.08 -38.60
CA GLY D 47 -17.32 10.33 -38.37
C GLY D 47 -18.55 10.20 -37.50
N LYS D 48 -18.81 8.98 -37.02
CA LYS D 48 -19.96 8.73 -36.16
C LYS D 48 -19.53 8.22 -34.79
N GLN D 49 -20.26 8.62 -33.76
CA GLN D 49 -20.01 8.12 -32.41
C GLN D 49 -20.61 6.72 -32.25
N LEU D 50 -19.81 5.81 -31.69
CA LEU D 50 -20.25 4.44 -31.51
C LEU D 50 -21.01 4.28 -30.20
N GLU D 51 -22.18 3.64 -30.27
CA GLU D 51 -22.98 3.40 -29.07
C GLU D 51 -22.50 2.17 -28.32
N ASP D 52 -22.81 2.12 -27.03
CA ASP D 52 -22.32 1.05 -26.16
C ASP D 52 -22.93 -0.30 -26.50
N GLY D 53 -24.15 -0.29 -27.02
CA GLY D 53 -24.89 -1.51 -27.29
C GLY D 53 -24.33 -2.37 -28.40
N ARG D 54 -23.99 -1.75 -29.52
CA ARG D 54 -23.56 -2.50 -30.70
C ARG D 54 -22.17 -3.09 -30.55
N THR D 55 -21.81 -3.96 -31.48
CA THR D 55 -20.54 -4.66 -31.44
C THR D 55 -19.60 -4.26 -32.59
N LEU D 56 -18.34 -4.64 -32.47
CA LEU D 56 -17.31 -4.25 -33.43
C LEU D 56 -17.63 -4.70 -34.85
N SER D 57 -18.12 -5.93 -34.99
CA SER D 57 -18.46 -6.47 -36.31
C SER D 57 -19.63 -5.71 -36.94
N ASP D 58 -20.57 -5.27 -36.10
CA ASP D 58 -21.69 -4.48 -36.57
C ASP D 58 -21.22 -3.17 -37.17
N TYR D 59 -20.18 -2.59 -36.57
CA TYR D 59 -19.60 -1.35 -37.06
C TYR D 59 -18.47 -1.61 -38.05
N ASN D 60 -18.35 -2.86 -38.51
CA ASN D 60 -17.44 -3.22 -39.59
C ASN D 60 -15.97 -2.95 -39.24
N ILE D 61 -15.69 -2.75 -37.95
CA ILE D 61 -14.33 -2.56 -37.48
C ILE D 61 -13.55 -3.84 -37.72
N GLN D 62 -12.36 -3.70 -38.29
CA GLN D 62 -11.55 -4.89 -38.58
C GLN D 62 -10.11 -4.69 -38.11
N LYS D 63 -9.30 -5.72 -38.27
CA LYS D 63 -7.94 -5.77 -37.77
C LYS D 63 -7.14 -4.52 -38.09
N GLU D 64 -6.37 -4.06 -37.10
CA GLU D 64 -5.52 -2.88 -37.23
C GLU D 64 -6.27 -1.60 -37.59
N SER D 65 -7.51 -1.47 -37.11
CA SER D 65 -8.29 -0.25 -37.37
C SER D 65 -7.98 0.82 -36.33
N THR D 66 -8.32 2.07 -36.66
CA THR D 66 -8.08 3.18 -35.73
C THR D 66 -9.35 4.01 -35.54
N LEU D 67 -9.85 4.03 -34.31
CA LEU D 67 -10.98 4.89 -33.96
C LEU D 67 -10.49 6.02 -33.07
N HIS D 68 -11.20 7.15 -33.11
CA HIS D 68 -10.77 8.33 -32.37
C HIS D 68 -11.49 8.44 -31.03
N LEU D 69 -10.79 8.96 -30.03
CA LEU D 69 -11.34 9.11 -28.69
C LEU D 69 -11.36 10.56 -28.24
N VAL D 70 -12.54 11.04 -27.85
CA VAL D 70 -12.68 12.39 -27.33
C VAL D 70 -13.22 12.36 -25.91
N LEU D 71 -12.49 13.00 -24.99
CA LEU D 71 -12.91 13.08 -23.60
C LEU D 71 -13.70 14.35 -23.33
N ARG D 72 -14.91 14.19 -22.79
CA ARG D 72 -15.78 15.32 -22.52
C ARG D 72 -16.27 15.29 -21.08
N LEU D 73 -15.77 16.22 -20.27
CA LEU D 73 -16.15 16.31 -18.86
C LEU D 73 -17.60 16.76 -18.73
N ARG D 74 -18.31 16.20 -17.75
CA ARG D 74 -19.72 16.51 -17.54
C ARG D 74 -19.92 17.97 -17.11
N GLY D 75 -21.03 18.56 -17.53
CA GLY D 75 -21.36 19.92 -17.16
C GLY D 75 -21.62 20.07 -15.67
N GLY D 76 -22.62 19.33 -15.19
CA GLY D 76 -22.97 19.36 -13.77
C GLY D 76 -23.52 20.70 -13.32
N MET E 1 26.66 14.15 33.51
CA MET E 1 25.47 14.34 34.34
C MET E 1 25.24 13.14 35.25
N GLN E 2 24.03 13.04 35.81
CA GLN E 2 23.65 11.90 36.63
C GLN E 2 22.33 11.30 36.15
N ILE E 3 22.30 9.98 36.03
CA ILE E 3 21.14 9.28 35.50
C ILE E 3 20.60 8.23 36.48
N PHE E 4 19.27 8.10 36.55
CA PHE E 4 18.64 7.07 37.36
C PHE E 4 18.26 5.85 36.53
N VAL E 5 18.50 4.67 37.07
CA VAL E 5 18.12 3.42 36.41
C VAL E 5 17.33 2.54 37.38
N LYS E 6 16.07 2.28 37.04
CA LYS E 6 15.20 1.50 37.93
C LYS E 6 15.11 0.04 37.48
N THR E 7 15.62 -0.85 38.31
CA THR E 7 15.54 -2.28 38.05
C THR E 7 14.14 -2.81 38.39
N LEU E 8 13.90 -4.09 38.08
CA LEU E 8 12.61 -4.70 38.36
C LEU E 8 12.39 -4.90 39.86
N THR E 9 13.47 -4.87 40.62
CA THR E 9 13.41 -5.03 42.06
C THR E 9 12.69 -3.84 42.71
N GLY E 10 12.67 -2.72 41.99
CA GLY E 10 12.14 -1.48 42.53
C GLY E 10 13.31 -0.63 43.00
N ARG E 11 14.49 -1.22 42.91
CA ARG E 11 15.73 -0.55 43.29
C ARG E 11 16.21 0.37 42.16
N THR E 12 16.71 1.54 42.55
CA THR E 12 17.20 2.51 41.57
C THR E 12 18.69 2.81 41.78
N ILE E 13 19.47 2.68 40.72
CA ILE E 13 20.90 2.93 40.79
C ILE E 13 21.29 4.19 40.01
N THR E 14 22.16 5.00 40.59
CA THR E 14 22.57 6.27 39.99
C THR E 14 23.87 6.14 39.22
N LEU E 15 23.89 6.67 37.99
CA LEU E 15 25.08 6.61 37.15
C LEU E 15 25.51 8.00 36.69
N GLU E 16 26.83 8.18 36.56
CA GLU E 16 27.37 9.42 36.04
C GLU E 16 27.79 9.24 34.58
N VAL E 17 27.19 10.01 33.69
CA VAL E 17 27.46 9.87 32.26
C VAL E 17 27.33 11.22 31.55
N GLU E 18 27.84 11.31 30.32
CA GLU E 18 27.74 12.51 29.52
C GLU E 18 26.89 12.26 28.28
N PRO E 19 26.14 13.29 27.83
CA PRO E 19 25.20 13.20 26.72
C PRO E 19 25.80 12.63 25.42
N SER E 20 27.10 12.81 25.23
CA SER E 20 27.76 12.38 24.00
C SER E 20 28.04 10.87 24.01
N ASP E 21 27.89 10.24 25.16
CA ASP E 21 28.12 8.81 25.29
C ASP E 21 27.00 8.01 24.63
N THR E 22 27.39 6.96 23.90
CA THR E 22 26.43 6.08 23.24
C THR E 22 25.71 5.19 24.26
N ILE E 23 24.60 4.58 23.84
CA ILE E 23 23.83 3.71 24.72
C ILE E 23 24.63 2.48 25.12
N GLU E 24 25.44 1.97 24.20
CA GLU E 24 26.32 0.85 24.49
C GLU E 24 27.30 1.20 25.60
N ASN E 25 27.75 2.46 25.62
CA ASN E 25 28.62 2.96 26.65
C ASN E 25 27.88 3.04 27.99
N VAL E 26 26.57 3.25 27.92
CA VAL E 26 25.74 3.33 29.12
C VAL E 26 25.51 1.93 29.71
N LYS E 27 25.22 0.96 28.84
CA LYS E 27 25.07 -0.42 29.28
C LYS E 27 26.38 -0.96 29.83
N ALA E 28 27.48 -0.37 29.38
CA ALA E 28 28.80 -0.73 29.89
C ALA E 28 28.97 -0.24 31.32
N LYS E 29 28.41 0.92 31.62
CA LYS E 29 28.48 1.47 32.97
C LYS E 29 27.61 0.68 33.93
N ILE E 30 26.53 0.10 33.41
CA ILE E 30 25.69 -0.79 34.19
C ILE E 30 26.51 -2.01 34.63
N GLN E 31 27.35 -2.49 33.72
CA GLN E 31 28.24 -3.61 34.01
C GLN E 31 29.30 -3.20 35.04
N ASP E 32 29.64 -1.91 35.05
CA ASP E 32 30.69 -1.40 35.92
C ASP E 32 30.25 -1.33 37.38
N LYS E 33 28.94 -1.26 37.61
CA LYS E 33 28.45 -1.08 38.98
C LYS E 33 27.84 -2.34 39.58
N GLU E 34 27.21 -3.18 38.76
CA GLU E 34 26.50 -4.34 39.28
C GLU E 34 26.94 -5.65 38.61
N GLY E 35 27.98 -5.58 37.80
CA GLY E 35 28.56 -6.78 37.19
C GLY E 35 27.61 -7.56 36.29
N ILE E 36 26.80 -6.85 35.52
CA ILE E 36 25.88 -7.48 34.59
C ILE E 36 26.38 -7.34 33.15
N PRO E 37 26.67 -8.48 32.50
CA PRO E 37 27.15 -8.46 31.10
C PRO E 37 26.19 -7.70 30.19
N PRO E 38 26.71 -6.86 29.30
CA PRO E 38 25.91 -5.97 28.45
C PRO E 38 24.92 -6.69 27.55
N ASP E 39 25.15 -7.98 27.30
CA ASP E 39 24.25 -8.75 26.43
C ASP E 39 22.94 -9.07 27.12
N GLN E 40 22.98 -9.21 28.44
CA GLN E 40 21.80 -9.57 29.22
C GLN E 40 21.02 -8.34 29.67
N GLN E 41 21.34 -7.19 29.07
CA GLN E 41 20.74 -5.93 29.49
C GLN E 41 19.77 -5.35 28.47
N ARG E 42 18.59 -4.95 28.95
CA ARG E 42 17.60 -4.28 28.14
C ARG E 42 17.22 -2.96 28.78
N LEU E 43 17.44 -1.86 28.07
CA LEU E 43 17.11 -0.53 28.59
C LEU E 43 15.84 0.01 27.94
N ILE E 44 14.85 0.33 28.76
CA ILE E 44 13.58 0.84 28.28
C ILE E 44 13.33 2.28 28.70
N PHE E 45 13.11 3.15 27.72
CA PHE E 45 12.70 4.52 27.99
C PHE E 45 11.57 4.91 27.03
N ALA E 46 10.52 5.51 27.59
CA ALA E 46 9.33 5.91 26.84
C ALA E 46 8.66 4.73 26.14
N GLY E 47 8.78 3.54 26.74
CA GLY E 47 8.09 2.36 26.25
C GLY E 47 8.80 1.60 25.15
N LYS E 48 10.03 2.01 24.83
CA LYS E 48 10.80 1.36 23.77
C LYS E 48 12.20 0.99 24.26
N GLN E 49 12.77 -0.07 23.68
CA GLN E 49 14.14 -0.43 23.98
C GLN E 49 15.10 0.48 23.21
N LEU E 50 16.21 0.82 23.84
CA LEU E 50 17.17 1.75 23.25
C LEU E 50 18.23 1.02 22.40
N GLU E 51 18.44 1.51 21.19
CA GLU E 51 19.46 0.95 20.30
C GLU E 51 20.85 1.29 20.81
N ASP E 52 21.76 0.32 20.71
CA ASP E 52 23.12 0.50 21.23
C ASP E 52 23.94 1.51 20.43
N GLY E 53 23.47 1.82 19.22
CA GLY E 53 24.20 2.71 18.34
C GLY E 53 23.99 4.19 18.61
N ARG E 54 22.74 4.58 18.78
CA ARG E 54 22.40 6.00 18.98
C ARG E 54 22.91 6.51 20.32
N THR E 55 23.04 7.83 20.43
CA THR E 55 23.55 8.45 21.66
C THR E 55 22.43 8.71 22.66
N LEU E 56 22.82 9.13 23.87
CA LEU E 56 21.85 9.43 24.92
C LEU E 56 21.06 10.69 24.60
N SER E 57 21.67 11.60 23.83
CA SER E 57 21.02 12.85 23.46
C SER E 57 19.98 12.65 22.37
N ASP E 58 20.13 11.58 21.60
CA ASP E 58 19.19 11.27 20.52
C ASP E 58 17.83 10.85 21.06
N TYR E 59 17.84 10.16 22.20
CA TYR E 59 16.60 9.68 22.80
C TYR E 59 16.01 10.70 23.77
N ASN E 60 16.65 11.88 23.84
CA ASN E 60 16.20 12.98 24.66
C ASN E 60 16.06 12.64 26.14
N ILE E 61 17.01 11.86 26.66
CA ILE E 61 17.07 11.58 28.09
C ILE E 61 18.14 12.48 28.71
N GLN E 62 17.88 13.04 29.89
CA GLN E 62 18.79 14.01 30.47
C GLN E 62 18.74 14.07 32.00
N LYS E 63 19.50 14.99 32.58
CA LYS E 63 19.92 14.86 33.96
C LYS E 63 18.72 14.61 34.85
N GLU E 64 18.92 13.64 35.73
CA GLU E 64 17.93 13.11 36.68
C GLU E 64 16.69 12.57 35.95
N SER E 65 16.93 11.67 35.00
CA SER E 65 15.83 10.96 34.34
C SER E 65 15.92 9.47 34.68
N THR E 66 14.80 8.76 34.57
CA THR E 66 14.75 7.36 34.98
C THR E 66 14.67 6.40 33.80
N LEU E 67 15.63 5.49 33.72
CA LEU E 67 15.61 4.41 32.74
C LEU E 67 15.24 3.11 33.45
N HIS E 68 14.80 2.11 32.69
CA HIS E 68 14.41 0.84 33.29
C HIS E 68 15.23 -0.32 32.75
N LEU E 69 15.78 -1.11 33.65
CA LEU E 69 16.68 -2.20 33.31
C LEU E 69 16.01 -3.55 33.48
N VAL E 70 15.89 -4.29 32.38
CA VAL E 70 15.31 -5.63 32.40
C VAL E 70 16.34 -6.65 31.94
N LEU E 71 16.39 -7.80 32.60
CA LEU E 71 17.42 -8.79 32.32
C LEU E 71 16.88 -9.99 31.54
N ARG E 72 17.53 -10.29 30.42
CA ARG E 72 17.16 -11.43 29.59
C ARG E 72 18.31 -12.43 29.53
N LEU E 73 18.07 -13.65 30.00
CA LEU E 73 19.11 -14.67 30.02
C LEU E 73 19.18 -15.40 28.68
N ARG E 74 20.35 -15.97 28.38
CA ARG E 74 20.53 -16.75 27.18
C ARG E 74 20.38 -18.25 27.46
N GLY E 75 19.65 -18.94 26.60
CA GLY E 75 19.45 -20.37 26.74
C GLY E 75 18.89 -21.01 25.50
N GLY E 76 19.27 -22.26 25.25
CA GLY E 76 18.78 -23.00 24.09
C GLY E 76 19.27 -22.44 22.77
N GLY F 7 -23.42 14.29 -46.82
CA GLY F 7 -23.25 15.47 -47.64
C GLY F 7 -24.45 16.40 -47.55
N ILE F 8 -24.22 17.64 -47.10
CA ILE F 8 -22.88 18.12 -46.74
C ILE F 8 -22.49 17.71 -45.32
N LYS F 9 -21.36 17.02 -45.21
CA LYS F 9 -20.84 16.54 -43.93
C LYS F 9 -19.40 17.00 -43.71
N TRP F 10 -19.23 18.20 -43.16
CA TRP F 10 -17.89 18.69 -42.88
C TRP F 10 -17.32 18.00 -41.65
N ALA F 11 -16.13 17.44 -41.80
CA ALA F 11 -15.46 16.75 -40.70
C ALA F 11 -14.30 17.57 -40.16
N CYS F 12 -14.08 17.49 -38.85
CA CYS F 12 -12.99 18.23 -38.23
C CYS F 12 -11.64 17.56 -38.51
N GLU F 13 -10.56 18.28 -38.23
CA GLU F 13 -9.22 17.78 -38.50
C GLU F 13 -8.66 16.99 -37.33
N TYR F 14 -9.05 17.36 -36.11
CA TYR F 14 -8.52 16.73 -34.91
C TYR F 14 -9.23 15.41 -34.63
N CYS F 15 -10.56 15.45 -34.52
CA CYS F 15 -11.37 14.24 -34.52
C CYS F 15 -12.24 14.23 -35.78
N THR F 16 -12.47 13.06 -36.33
CA THR F 16 -13.11 12.96 -37.63
C THR F 16 -14.64 13.05 -37.56
N TYR F 17 -15.17 13.45 -36.41
CA TYR F 17 -16.62 13.56 -36.24
C TYR F 17 -17.20 14.59 -37.21
N GLU F 18 -18.19 14.16 -37.98
CA GLU F 18 -18.76 14.98 -39.03
C GLU F 18 -20.04 15.69 -38.57
N ASN F 19 -19.96 17.02 -38.49
CA ASN F 19 -21.09 17.82 -38.03
C ASN F 19 -21.96 18.29 -39.19
N TRP F 20 -23.11 18.88 -38.85
CA TRP F 20 -23.98 19.51 -39.83
C TRP F 20 -23.39 20.86 -40.26
N PRO F 21 -23.79 21.36 -41.43
CA PRO F 21 -23.29 22.68 -41.86
C PRO F 21 -23.80 23.80 -40.97
N SER F 22 -24.83 23.51 -40.17
CA SER F 22 -25.44 24.51 -39.30
C SER F 22 -24.63 24.70 -38.01
N ALA F 23 -23.72 23.77 -37.74
CA ALA F 23 -22.89 23.84 -36.54
C ALA F 23 -21.62 24.66 -36.78
N ILE F 24 -21.52 25.81 -36.11
CA ILE F 24 -20.36 26.67 -36.25
C ILE F 24 -19.16 26.10 -35.51
N LYS F 25 -19.41 25.17 -34.60
CA LYS F 25 -18.36 24.51 -33.85
C LYS F 25 -18.66 23.03 -33.70
N CYS F 26 -17.60 22.22 -33.59
CA CYS F 26 -17.76 20.79 -33.40
C CYS F 26 -18.41 20.51 -32.04
N THR F 27 -19.14 19.41 -31.98
CA THR F 27 -19.85 19.05 -30.77
C THR F 27 -18.91 18.61 -29.67
N MET F 28 -17.84 17.91 -30.04
CA MET F 28 -16.98 17.27 -29.05
C MET F 28 -15.62 17.94 -28.91
N CYS F 29 -14.87 18.08 -30.00
CA CYS F 29 -13.57 18.72 -29.93
C CYS F 29 -13.68 20.25 -29.96
N ARG F 30 -14.90 20.73 -30.16
CA ARG F 30 -15.24 22.16 -30.08
C ARG F 30 -14.46 23.03 -31.08
N ALA F 31 -13.97 22.42 -32.16
CA ALA F 31 -13.28 23.17 -33.20
C ALA F 31 -14.28 23.86 -34.13
N GLN F 32 -13.93 25.05 -34.59
CA GLN F 32 -14.83 25.85 -35.42
C GLN F 32 -14.89 25.32 -36.85
N ARG F 33 -15.83 25.83 -37.63
CA ARG F 33 -16.01 25.42 -39.02
C ARG F 33 -14.81 25.75 -39.92
N PRO F 34 -14.35 27.01 -39.96
CA PRO F 34 -13.27 27.28 -40.89
C PRO F 34 -11.90 26.86 -40.34
N GLY G 7 1.87 -9.59 -12.92
CA GLY G 7 1.36 -10.86 -12.44
C GLY G 7 2.45 -11.71 -11.80
N ILE G 8 3.62 -11.73 -12.43
CA ILE G 8 4.77 -12.46 -11.91
C ILE G 8 5.16 -11.92 -10.54
N LYS G 9 5.48 -12.81 -9.61
CA LYS G 9 6.21 -12.43 -8.41
C LYS G 9 7.26 -13.49 -8.12
N TRP G 10 8.50 -13.16 -8.44
CA TRP G 10 9.62 -14.09 -8.31
C TRP G 10 10.13 -14.16 -6.88
N ALA G 11 10.47 -15.36 -6.44
CA ALA G 11 11.02 -15.56 -5.10
C ALA G 11 12.54 -15.52 -5.14
N CYS G 12 13.13 -14.83 -4.17
CA CYS G 12 14.58 -14.70 -4.11
C CYS G 12 15.24 -16.03 -3.75
N GLU G 13 16.41 -16.28 -4.35
CA GLU G 13 17.13 -17.53 -4.13
C GLU G 13 17.60 -17.69 -2.68
N TYR G 14 17.87 -16.57 -2.02
CA TYR G 14 18.56 -16.60 -0.74
C TYR G 14 17.65 -16.42 0.47
N CYS G 15 16.78 -15.41 0.43
CA CYS G 15 15.94 -15.12 1.58
C CYS G 15 14.46 -15.41 1.31
N THR G 16 14.19 -15.99 0.15
CA THR G 16 12.84 -16.44 -0.23
C THR G 16 11.77 -15.36 -0.21
N TYR G 17 12.18 -14.10 -0.26
CA TYR G 17 11.23 -13.00 -0.33
C TYR G 17 10.69 -12.87 -1.75
N GLU G 18 9.38 -12.64 -1.87
CA GLU G 18 8.76 -12.52 -3.19
C GLU G 18 8.70 -11.07 -3.64
N ASN G 19 9.49 -10.75 -4.66
CA ASN G 19 9.55 -9.39 -5.19
C ASN G 19 8.72 -9.23 -6.47
N TRP G 20 8.43 -7.98 -6.81
CA TRP G 20 7.63 -7.65 -7.98
C TRP G 20 8.39 -7.99 -9.27
N PRO G 21 7.66 -8.14 -10.39
CA PRO G 21 8.35 -8.49 -11.64
C PRO G 21 9.12 -7.31 -12.23
N SER G 22 8.82 -6.11 -11.74
CA SER G 22 9.47 -4.90 -12.23
C SER G 22 10.79 -4.66 -11.50
N ALA G 23 11.04 -5.48 -10.47
CA ALA G 23 12.24 -5.37 -9.67
C ALA G 23 13.40 -6.14 -10.27
N ILE G 24 14.60 -5.60 -10.16
CA ILE G 24 15.81 -6.26 -10.66
C ILE G 24 16.63 -6.77 -9.48
N LYS G 25 16.33 -6.25 -8.29
CA LYS G 25 17.04 -6.63 -7.08
C LYS G 25 16.06 -7.03 -5.98
N CYS G 26 16.52 -7.85 -5.04
CA CYS G 26 15.67 -8.26 -3.92
C CYS G 26 15.51 -7.12 -2.93
N THR G 27 14.30 -6.96 -2.41
CA THR G 27 13.99 -5.87 -1.49
C THR G 27 14.62 -6.10 -0.12
N MET G 28 14.78 -7.37 0.26
CA MET G 28 15.28 -7.69 1.60
C MET G 28 16.80 -7.90 1.65
N CYS G 29 17.31 -8.85 0.89
CA CYS G 29 18.72 -9.20 0.97
C CYS G 29 19.56 -8.56 -0.14
N ARG G 30 18.92 -7.69 -0.92
CA ARG G 30 19.60 -6.91 -1.96
C ARG G 30 20.33 -7.76 -3.01
N ALA G 31 19.77 -8.93 -3.33
CA ALA G 31 20.37 -9.80 -4.35
C ALA G 31 19.68 -9.60 -5.69
N GLN G 32 20.35 -10.01 -6.76
CA GLN G 32 19.84 -9.78 -8.11
C GLN G 32 19.15 -11.04 -8.68
N ARG G 33 18.21 -10.82 -9.59
CA ARG G 33 17.50 -11.92 -10.26
C ARG G 33 18.46 -12.82 -11.03
N PRO G 34 18.08 -14.09 -11.23
CA PRO G 34 18.84 -15.02 -12.06
C PRO G 34 19.11 -14.48 -13.46
N SER G 35 18.11 -13.82 -14.04
CA SER G 35 18.23 -13.24 -15.37
C SER G 35 18.72 -11.80 -15.30
N ILE H 8 -33.55 -4.07 -22.44
CA ILE H 8 -33.58 -5.37 -21.76
C ILE H 8 -32.19 -5.82 -21.34
N LYS H 9 -31.51 -4.98 -20.56
CA LYS H 9 -30.16 -5.29 -20.09
C LYS H 9 -30.15 -6.49 -19.15
N TRP H 10 -29.19 -7.38 -19.35
CA TRP H 10 -29.05 -8.56 -18.50
C TRP H 10 -27.96 -8.38 -17.46
N ALA H 11 -28.22 -8.86 -16.25
CA ALA H 11 -27.26 -8.76 -15.16
C ALA H 11 -26.42 -10.03 -15.06
N CYS H 12 -25.14 -9.86 -14.76
CA CYS H 12 -24.21 -11.00 -14.70
C CYS H 12 -24.43 -11.83 -13.43
N GLU H 13 -24.05 -13.11 -13.49
CA GLU H 13 -24.23 -14.02 -12.37
C GLU H 13 -23.22 -13.78 -11.24
N TYR H 14 -22.02 -13.33 -11.60
CA TYR H 14 -20.92 -13.23 -10.65
C TYR H 14 -20.76 -11.83 -10.09
N CYS H 15 -21.05 -10.82 -10.90
CA CYS H 15 -21.13 -9.45 -10.42
C CYS H 15 -22.45 -8.83 -10.87
N THR H 16 -22.92 -7.82 -10.15
CA THR H 16 -24.25 -7.27 -10.36
C THR H 16 -24.39 -6.54 -11.70
N TYR H 17 -23.27 -6.15 -12.30
CA TYR H 17 -23.25 -5.27 -13.47
C TYR H 17 -24.18 -5.71 -14.60
N GLU H 18 -25.09 -4.82 -14.98
CA GLU H 18 -26.01 -5.08 -16.08
C GLU H 18 -25.37 -4.74 -17.42
N ASN H 19 -25.37 -5.72 -18.33
CA ASN H 19 -24.74 -5.53 -19.63
C ASN H 19 -25.75 -5.45 -20.77
N TRP H 20 -25.26 -5.11 -21.96
CA TRP H 20 -26.10 -4.97 -23.13
C TRP H 20 -26.39 -6.32 -23.77
N PRO H 21 -27.61 -6.48 -24.32
CA PRO H 21 -28.09 -7.72 -24.94
C PRO H 21 -27.13 -8.29 -26.00
N SER H 22 -26.39 -7.42 -26.67
CA SER H 22 -25.49 -7.84 -27.73
C SER H 22 -24.21 -8.45 -27.19
N ALA H 23 -23.91 -8.18 -25.92
CA ALA H 23 -22.67 -8.66 -25.30
C ALA H 23 -22.77 -10.11 -24.87
N ILE H 24 -21.86 -10.95 -25.38
CA ILE H 24 -21.82 -12.36 -25.03
C ILE H 24 -21.07 -12.57 -23.71
N LYS H 25 -20.32 -11.55 -23.31
CA LYS H 25 -19.57 -11.58 -22.06
C LYS H 25 -19.71 -10.26 -21.34
N CYS H 26 -19.78 -10.30 -20.02
CA CYS H 26 -19.82 -9.08 -19.22
C CYS H 26 -18.53 -8.29 -19.43
N THR H 27 -18.65 -6.97 -19.43
CA THR H 27 -17.51 -6.10 -19.66
C THR H 27 -16.63 -5.99 -18.40
N MET H 28 -17.21 -6.34 -17.25
CA MET H 28 -16.59 -6.03 -15.97
C MET H 28 -15.73 -7.16 -15.40
N CYS H 29 -16.34 -8.29 -15.07
CA CYS H 29 -15.59 -9.41 -14.50
C CYS H 29 -15.29 -10.49 -15.54
N ARG H 30 -15.56 -10.18 -16.80
CA ARG H 30 -15.22 -11.05 -17.92
C ARG H 30 -15.83 -12.45 -17.80
N ALA H 31 -17.01 -12.53 -17.20
CA ALA H 31 -17.75 -13.79 -17.10
C ALA H 31 -18.53 -14.05 -18.38
N GLN H 32 -19.09 -15.24 -18.49
CA GLN H 32 -19.81 -15.64 -19.70
C GLN H 32 -21.29 -15.34 -19.59
N ARG H 33 -21.98 -15.35 -20.73
CA ARG H 33 -23.43 -15.17 -20.77
C ARG H 33 -24.14 -16.34 -20.11
N PRO H 34 -25.07 -16.05 -19.19
CA PRO H 34 -25.82 -17.10 -18.49
C PRO H 34 -26.79 -17.83 -19.42
N SER H 35 -27.03 -19.11 -19.13
CA SER H 35 -27.93 -19.93 -19.93
C SER H 35 -29.38 -19.47 -19.77
N ILE I 8 -10.45 20.80 -11.29
CA ILE I 8 -11.36 21.07 -10.17
C ILE I 8 -10.86 20.39 -8.90
N LYS I 9 -9.97 19.42 -9.06
CA LYS I 9 -9.45 18.67 -7.93
C LYS I 9 -8.57 19.54 -7.04
N TRP I 10 -8.80 19.48 -5.72
CA TRP I 10 -8.04 20.28 -4.77
C TRP I 10 -6.96 19.47 -4.07
N ALA I 11 -5.84 20.11 -3.75
CA ALA I 11 -4.72 19.42 -3.11
C ALA I 11 -4.70 19.70 -1.61
N CYS I 12 -4.36 18.68 -0.83
CA CYS I 12 -4.35 18.80 0.62
C CYS I 12 -3.11 19.54 1.13
N GLU I 13 -3.29 20.30 2.20
CA GLU I 13 -2.24 21.15 2.75
C GLU I 13 -1.14 20.33 3.42
N TYR I 14 -1.49 19.17 3.96
CA TYR I 14 -0.54 18.37 4.72
C TYR I 14 0.20 17.34 3.88
N CYS I 15 -0.54 16.51 3.15
CA CYS I 15 0.07 15.40 2.43
C CYS I 15 -0.01 15.51 0.91
N THR I 16 -0.06 16.75 0.41
CA THR I 16 -0.03 17.08 -1.03
C THR I 16 -0.88 16.19 -1.94
N TYR I 17 -1.93 15.60 -1.40
CA TYR I 17 -2.77 14.71 -2.20
C TYR I 17 -3.92 15.47 -2.84
N GLU I 18 -4.22 15.15 -4.10
CA GLU I 18 -5.30 15.80 -4.82
C GLU I 18 -6.62 15.06 -4.66
N ASN I 19 -7.61 15.72 -4.07
CA ASN I 19 -8.91 15.10 -3.83
C ASN I 19 -10.01 15.65 -4.71
N TRP I 20 -11.18 15.03 -4.64
CA TRP I 20 -12.33 15.48 -5.42
C TRP I 20 -13.09 16.57 -4.68
N PRO I 21 -13.72 17.50 -5.43
CA PRO I 21 -14.43 18.63 -4.83
C PRO I 21 -15.57 18.20 -3.91
N SER I 22 -16.04 16.97 -4.05
CA SER I 22 -17.13 16.47 -3.22
C SER I 22 -16.61 15.86 -1.92
N ALA I 23 -15.30 15.64 -1.85
CA ALA I 23 -14.69 15.09 -0.64
C ALA I 23 -14.50 16.17 0.42
N ILE I 24 -15.09 15.96 1.58
CA ILE I 24 -15.01 16.94 2.65
C ILE I 24 -13.72 16.80 3.45
N LYS I 25 -12.97 15.73 3.19
CA LYS I 25 -11.69 15.50 3.84
C LYS I 25 -10.75 14.75 2.90
N CYS I 26 -9.49 14.66 3.29
CA CYS I 26 -8.48 14.01 2.46
C CYS I 26 -8.59 12.48 2.50
N THR I 27 -8.32 11.84 1.38
CA THR I 27 -8.40 10.39 1.27
C THR I 27 -7.27 9.70 2.04
N MET I 28 -6.09 10.29 2.03
CA MET I 28 -4.92 9.66 2.62
C MET I 28 -4.71 10.03 4.09
N CYS I 29 -4.51 11.32 4.35
CA CYS I 29 -4.18 11.77 5.71
C CYS I 29 -5.43 12.08 6.54
N ARG I 30 -6.59 11.95 5.91
CA ARG I 30 -7.88 12.15 6.56
C ARG I 30 -8.05 13.51 7.23
N ALA I 31 -7.29 14.51 6.76
CA ALA I 31 -7.43 15.87 7.27
C ALA I 31 -8.56 16.59 6.55
N GLN I 32 -9.12 17.60 7.22
CA GLN I 32 -10.29 18.30 6.69
C GLN I 32 -9.94 19.28 5.58
N ARG I 33 -10.91 19.53 4.71
CA ARG I 33 -10.76 20.48 3.62
C ARG I 33 -11.07 21.90 4.08
N PRO I 34 -10.25 22.88 3.65
CA PRO I 34 -10.46 24.29 3.97
C PRO I 34 -11.85 24.79 3.59
N GLY J 7 -6.18 -2.54 18.56
CA GLY J 7 -6.64 -1.42 19.36
C GLY J 7 -5.55 -0.39 19.61
N ILE J 8 -4.77 -0.61 20.67
CA ILE J 8 -3.67 0.29 21.01
C ILE J 8 -2.59 -0.44 21.80
N LYS J 9 -1.39 0.13 21.83
CA LYS J 9 -0.27 -0.51 22.53
C LYS J 9 -0.33 -0.23 24.02
N TRP J 10 -0.39 -1.32 24.80
CA TRP J 10 -0.50 -1.20 26.26
C TRP J 10 0.87 -1.22 26.93
N ALA J 11 1.03 -0.41 27.96
CA ALA J 11 2.29 -0.32 28.69
C ALA J 11 2.29 -1.23 29.91
N CYS J 12 3.41 -1.91 30.14
CA CYS J 12 3.55 -2.80 31.29
C CYS J 12 3.83 -2.00 32.55
N GLU J 13 3.27 -2.45 33.66
CA GLU J 13 3.41 -1.74 34.94
C GLU J 13 4.81 -1.86 35.52
N TYR J 14 5.48 -2.97 35.23
CA TYR J 14 6.75 -3.28 35.88
C TYR J 14 7.97 -2.79 35.11
N CYS J 15 8.00 -3.00 33.80
CA CYS J 15 9.19 -2.67 33.02
C CYS J 15 8.96 -1.54 32.02
N THR J 16 7.83 -0.83 32.15
CA THR J 16 7.59 0.42 31.41
C THR J 16 7.38 0.22 29.90
N TYR J 17 7.65 -0.99 29.41
CA TYR J 17 7.57 -1.27 27.99
C TYR J 17 6.14 -1.18 27.47
N GLU J 18 5.98 -0.77 26.22
CA GLU J 18 4.66 -0.71 25.61
C GLU J 18 4.52 -1.84 24.58
N ASN J 19 3.75 -2.85 24.92
CA ASN J 19 3.57 -4.01 24.04
C ASN J 19 2.34 -3.88 23.15
N TRP J 20 2.27 -4.74 22.13
CA TRP J 20 1.11 -4.80 21.24
C TRP J 20 -0.10 -5.38 21.96
N PRO J 21 -1.31 -4.98 21.55
CA PRO J 21 -2.53 -5.45 22.23
C PRO J 21 -2.76 -6.95 22.10
N SER J 22 -2.17 -7.59 21.09
CA SER J 22 -2.33 -9.01 20.88
C SER J 22 -1.36 -9.81 21.74
N ALA J 23 -0.42 -9.12 22.36
CA ALA J 23 0.57 -9.77 23.22
C ALA J 23 -0.04 -10.16 24.56
N ILE J 24 -0.11 -11.46 24.83
CA ILE J 24 -0.68 -11.95 26.08
C ILE J 24 0.22 -11.60 27.26
N LYS J 25 1.52 -11.47 26.99
CA LYS J 25 2.48 -11.10 28.02
C LYS J 25 3.50 -10.11 27.46
N CYS J 26 4.28 -9.50 28.34
CA CYS J 26 5.26 -8.50 27.94
C CYS J 26 6.41 -9.13 27.15
N THR J 27 7.01 -8.33 26.28
CA THR J 27 8.10 -8.79 25.43
C THR J 27 9.42 -8.84 26.21
N MET J 28 9.62 -7.87 27.08
CA MET J 28 10.88 -7.75 27.81
C MET J 28 10.92 -8.61 29.08
N CYS J 29 10.00 -8.37 30.01
CA CYS J 29 10.05 -9.05 31.30
C CYS J 29 9.07 -10.22 31.41
N ARG J 30 8.42 -10.54 30.29
CA ARG J 30 7.51 -11.70 30.20
C ARG J 30 6.39 -11.67 31.25
N ALA J 31 5.84 -10.48 31.51
CA ALA J 31 4.74 -10.35 32.46
C ALA J 31 3.41 -10.23 31.73
N GLN J 32 2.38 -10.85 32.29
CA GLN J 32 1.06 -10.87 31.65
C GLN J 32 0.43 -9.49 31.60
N ARG J 33 -0.55 -9.32 30.71
CA ARG J 33 -1.21 -8.03 30.50
C ARG J 33 -1.89 -7.46 31.74
N PRO J 34 -2.66 -8.28 32.49
CA PRO J 34 -3.28 -7.69 33.68
C PRO J 34 -2.25 -7.27 34.73
#